data_2XNI
#
_entry.id   2XNI
#
_cell.length_a   233.289
_cell.length_b   233.289
_cell.length_c   78.067
_cell.angle_alpha   90.00
_cell.angle_beta   90.00
_cell.angle_gamma   120.00
#
_symmetry.space_group_name_H-M   'H 3 2'
#
loop_
_entity.id
_entity.type
_entity.pdbx_description
1 polymer 'NS3 PROTEASE'
2 polymer 'NS4A COFACTOR'
3 non-polymer (1-{[(10-tert-butyl-15,15-dimethyl-3,9,12-trioxo-6,7,9,10,11,12,14,15,16,17,18,19,23,23a-tetradecahydro-1H,5H-2,23:5,8-dimethano-4,13,2,8,11-benzodioxatriazacyclohenicosin-7(3H)-yl)carbonyl]amino}-3-hydroxypropyl)(trihydroxy)borate(1-)
4 non-polymer 'ZINC ION'
5 non-polymer 'MAGNESIUM ION'
6 water water
#
loop_
_entity_poly.entity_id
_entity_poly.type
_entity_poly.pdbx_seq_one_letter_code
_entity_poly.pdbx_strand_id
1 'polypeptide(L)'
;ASMTGGQQMGAPITAYAQQTRGLLGCIITSLTGRDKNQVEGEVQIVSTATQTFLATCINGVCWTVYHGAGTRTIASPKGP
VIQMYTNVDQDLVGWPAPQGSRSLTPCTCGSSDLYLVTRHADVIPVRRRGDSRGSLLSPRPISYLKGSSGGPLLCPAGHA
VGLFRAAVCTRGVAKAVDFIPVENLETTMRGSHHHHHH
;
A,B
2 'polypeptide(L)' KKGSVVIVGRIVLSGKPAIIPKK C,D
#
# COMPACT_ATOMS: atom_id res chain seq x y z
N GLY A 10 -8.13 -4.89 -6.01
CA GLY A 10 -9.46 -4.36 -5.58
C GLY A 10 -9.36 -3.11 -4.72
N ALA A 11 -9.94 -3.18 -3.51
CA ALA A 11 -9.90 -2.08 -2.54
C ALA A 11 -9.96 -2.65 -1.11
N PRO A 12 -9.03 -2.19 -0.23
CA PRO A 12 -8.10 -1.09 -0.50
C PRO A 12 -6.77 -1.54 -1.14
N ILE A 13 -6.10 -0.57 -1.77
CA ILE A 13 -4.83 -0.80 -2.40
C ILE A 13 -3.78 -0.92 -1.32
N THR A 14 -3.05 -2.02 -1.37
CA THR A 14 -1.89 -2.22 -0.53
C THR A 14 -0.84 -2.95 -1.35
N ALA A 15 0.41 -2.51 -1.19
CA ALA A 15 1.50 -3.13 -1.92
C ALA A 15 2.68 -3.52 -1.04
N TYR A 16 3.44 -4.50 -1.53
CA TYR A 16 4.67 -4.93 -0.92
C TYR A 16 5.77 -5.25 -1.94
N ALA A 17 7.03 -5.02 -1.55
CA ALA A 17 8.17 -5.17 -2.44
C ALA A 17 9.07 -6.34 -2.10
N GLN A 18 9.65 -6.94 -3.13
CA GLN A 18 10.55 -8.06 -2.98
C GLN A 18 11.73 -7.85 -3.91
N GLN A 19 12.93 -8.15 -3.43
CA GLN A 19 14.11 -8.06 -4.28
C GLN A 19 14.50 -9.44 -4.79
N THR A 20 14.88 -9.53 -6.06
CA THR A 20 15.19 -10.84 -6.63
C THR A 20 16.61 -10.98 -7.10
N ARG A 21 17.29 -9.88 -7.38
CA ARG A 21 18.64 -9.98 -7.96
C ARG A 21 19.67 -9.01 -7.43
N GLY A 22 20.89 -9.51 -7.26
CA GLY A 22 22.06 -8.72 -6.81
C GLY A 22 22.71 -7.84 -7.86
N LEU A 23 23.80 -7.16 -7.52
CA LEU A 23 24.42 -6.25 -8.50
C LEU A 23 25.26 -6.99 -9.55
N LEU A 24 26.11 -7.92 -9.10
CA LEU A 24 26.89 -8.73 -10.03
C LEU A 24 25.96 -9.50 -10.96
N GLY A 25 24.89 -10.04 -10.39
CA GLY A 25 23.86 -10.76 -11.15
C GLY A 25 23.22 -10.00 -12.29
N CYS A 26 22.79 -8.78 -12.02
CA CYS A 26 22.15 -7.94 -13.03
C CYS A 26 23.07 -7.68 -14.22
N ILE A 27 24.32 -7.34 -13.92
CA ILE A 27 25.32 -7.03 -14.93
C ILE A 27 25.57 -8.22 -15.86
N ILE A 28 25.82 -9.39 -15.27
CA ILE A 28 26.02 -10.60 -16.05
C ILE A 28 24.79 -10.91 -16.92
N THR A 29 23.60 -10.86 -16.32
CA THR A 29 22.36 -11.10 -17.06
C THR A 29 22.18 -10.10 -18.21
N SER A 30 22.49 -8.83 -17.94
CA SER A 30 22.32 -7.78 -18.94
C SER A 30 23.03 -8.13 -20.24
N LEU A 31 24.28 -8.56 -20.12
CA LEU A 31 25.06 -8.99 -21.28
C LEU A 31 24.44 -10.25 -21.87
N THR A 32 24.58 -11.38 -21.19
CA THR A 32 24.06 -12.65 -21.73
C THR A 32 22.63 -12.58 -22.27
N GLY A 33 21.80 -11.69 -21.73
CA GLY A 33 20.42 -11.53 -22.21
C GLY A 33 19.51 -12.72 -21.95
N ARG A 34 19.96 -13.64 -21.10
CA ARG A 34 19.21 -14.84 -20.73
C ARG A 34 18.87 -14.74 -19.24
N ASP A 35 17.57 -14.66 -18.92
CA ASP A 35 17.12 -14.55 -17.52
C ASP A 35 16.24 -15.71 -17.17
N LYS A 36 16.67 -16.50 -16.19
CA LYS A 36 15.98 -17.72 -15.86
C LYS A 36 15.08 -17.69 -14.62
N ASN A 37 15.22 -16.66 -13.77
CA ASN A 37 14.34 -16.47 -12.61
C ASN A 37 12.86 -16.53 -12.97
N GLN A 38 12.02 -16.96 -12.04
CA GLN A 38 10.59 -16.99 -12.31
C GLN A 38 9.93 -15.65 -11.94
N VAL A 39 8.78 -15.37 -12.55
CA VAL A 39 8.15 -14.06 -12.47
C VAL A 39 6.83 -14.08 -11.71
N GLU A 40 6.55 -12.98 -11.00
CA GLU A 40 5.27 -12.77 -10.32
C GLU A 40 4.93 -11.29 -10.20
N GLY A 41 3.63 -10.99 -10.21
CA GLY A 41 3.15 -9.63 -9.94
C GLY A 41 2.84 -8.77 -11.14
N GLU A 42 2.37 -7.55 -10.87
CA GLU A 42 1.92 -6.63 -11.91
C GLU A 42 2.98 -5.63 -12.27
N VAL A 43 3.73 -5.18 -11.28
CA VAL A 43 4.79 -4.21 -11.50
C VAL A 43 6.14 -4.90 -11.33
N GLN A 44 7.05 -4.69 -12.25
CA GLN A 44 8.37 -5.27 -12.12
C GLN A 44 9.37 -4.16 -11.93
N ILE A 45 10.29 -4.35 -10.97
CA ILE A 45 11.44 -3.45 -10.80
C ILE A 45 12.53 -3.92 -11.76
N VAL A 46 12.83 -3.07 -12.73
CA VAL A 46 13.81 -3.38 -13.74
C VAL A 46 14.98 -2.41 -13.62
N SER A 47 16.09 -2.74 -14.25
CA SER A 47 17.30 -1.94 -14.14
C SER A 47 18.18 -2.11 -15.36
N THR A 48 18.95 -1.07 -15.69
CA THR A 48 20.00 -1.16 -16.72
C THR A 48 21.40 -1.02 -16.11
N ALA A 49 22.30 -0.32 -16.80
CA ALA A 49 23.66 -0.08 -16.30
C ALA A 49 23.72 1.21 -15.54
N THR A 50 23.22 2.28 -16.15
CA THR A 50 23.15 3.55 -15.44
C THR A 50 21.91 3.61 -14.56
N GLN A 51 20.75 3.39 -15.15
CA GLN A 51 19.49 3.68 -14.47
C GLN A 51 18.84 2.45 -13.86
N THR A 52 17.80 2.71 -13.08
CA THR A 52 16.97 1.67 -12.49
C THR A 52 15.58 2.22 -12.14
N PHE A 53 14.54 1.64 -12.74
CA PHE A 53 13.20 2.23 -12.73
C PHE A 53 12.12 1.16 -12.68
N LEU A 54 10.95 1.41 -13.29
CA LEU A 54 9.76 0.53 -13.16
C LEU A 54 9.02 0.26 -14.47
N ALA A 55 8.41 -0.93 -14.55
CA ALA A 55 7.66 -1.39 -15.74
C ALA A 55 6.41 -2.16 -15.36
N THR A 56 5.31 -1.85 -16.04
CA THR A 56 3.94 -2.26 -15.65
C THR A 56 3.15 -3.04 -16.71
N CYS A 57 2.62 -4.20 -16.33
CA CYS A 57 1.83 -5.03 -17.24
C CYS A 57 0.34 -4.66 -17.32
N ILE A 58 -0.10 -4.25 -18.51
CA ILE A 58 -1.51 -4.00 -18.80
C ILE A 58 -1.95 -4.72 -20.08
N ASN A 59 -2.94 -5.61 -19.96
CA ASN A 59 -3.56 -6.28 -21.11
C ASN A 59 -2.61 -7.13 -21.95
N GLY A 60 -1.75 -7.88 -21.28
CA GLY A 60 -0.84 -8.76 -21.98
C GLY A 60 0.42 -8.06 -22.45
N VAL A 61 0.50 -6.75 -22.24
CA VAL A 61 1.73 -6.01 -22.58
C VAL A 61 2.45 -5.41 -21.36
N CYS A 62 3.77 -5.61 -21.31
CA CYS A 62 4.63 -5.01 -20.31
C CYS A 62 5.21 -3.70 -20.83
N TRP A 63 4.78 -2.59 -20.21
CA TRP A 63 5.10 -1.20 -20.62
C TRP A 63 6.10 -0.48 -19.69
N THR A 64 6.89 0.43 -20.25
CA THR A 64 7.81 1.28 -19.45
C THR A 64 8.21 2.59 -20.16
N VAL A 65 8.95 3.45 -19.46
CA VAL A 65 9.38 4.75 -20.00
C VAL A 65 10.62 4.68 -20.91
N TYR A 66 10.56 5.36 -22.05
CA TYR A 66 11.65 5.34 -23.02
C TYR A 66 12.89 6.10 -22.52
N HIS A 67 12.70 7.08 -21.64
CA HIS A 67 13.84 7.78 -21.07
C HIS A 67 14.65 6.85 -20.16
N GLY A 68 14.13 5.64 -19.98
CA GLY A 68 14.80 4.61 -19.19
C GLY A 68 15.24 3.41 -20.01
N ALA A 69 14.30 2.83 -20.76
CA ALA A 69 14.54 1.59 -21.50
C ALA A 69 15.25 1.83 -22.82
N GLY A 70 15.12 3.05 -23.33
CA GLY A 70 15.64 3.38 -24.64
C GLY A 70 15.05 2.47 -25.68
N THR A 71 15.92 1.78 -26.40
CA THR A 71 15.49 0.90 -27.48
C THR A 71 15.85 -0.57 -27.22
N ARG A 72 16.30 -0.86 -25.99
CA ARG A 72 16.83 -2.18 -25.62
C ARG A 72 15.85 -3.36 -25.71
N THR A 73 16.39 -4.58 -25.65
CA THR A 73 15.56 -5.78 -25.60
C THR A 73 15.38 -6.15 -24.14
N ILE A 74 14.50 -7.10 -23.86
CA ILE A 74 14.31 -7.53 -22.47
C ILE A 74 14.74 -8.97 -22.27
N ALA A 75 15.58 -9.18 -21.27
CA ALA A 75 16.12 -10.51 -21.01
C ALA A 75 15.03 -11.46 -20.53
N SER A 76 14.78 -12.49 -21.34
CA SER A 76 13.84 -13.55 -20.98
C SER A 76 14.56 -14.90 -20.91
N PRO A 77 13.87 -15.95 -20.46
CA PRO A 77 14.50 -17.27 -20.35
C PRO A 77 14.74 -17.97 -21.68
N LYS A 78 14.21 -17.40 -22.76
CA LYS A 78 14.46 -17.86 -24.12
C LYS A 78 15.31 -16.83 -24.83
N GLY A 79 16.26 -16.23 -24.09
CA GLY A 79 17.12 -15.18 -24.61
C GLY A 79 16.45 -13.81 -24.68
N PRO A 80 17.13 -12.83 -25.30
CA PRO A 80 16.61 -11.46 -25.46
C PRO A 80 15.35 -11.37 -26.33
N VAL A 81 14.48 -10.42 -26.01
CA VAL A 81 13.19 -10.25 -26.66
C VAL A 81 12.97 -8.80 -27.07
N ILE A 82 12.85 -8.63 -28.39
CA ILE A 82 12.75 -7.34 -29.08
C ILE A 82 11.38 -6.67 -28.85
N GLN A 83 11.38 -5.34 -28.77
CA GLN A 83 10.18 -4.59 -28.37
C GLN A 83 9.02 -4.73 -29.34
N MET A 84 7.80 -4.87 -28.81
CA MET A 84 6.59 -4.88 -29.63
C MET A 84 6.14 -3.49 -30.08
N TYR A 85 6.11 -2.53 -29.16
CA TYR A 85 5.76 -1.17 -29.51
C TYR A 85 6.83 -0.17 -29.07
N THR A 86 6.91 0.94 -29.79
CA THR A 86 7.81 2.05 -29.47
C THR A 86 7.16 3.36 -29.87
N ASN A 87 7.32 4.38 -29.02
CA ASN A 87 6.81 5.71 -29.30
C ASN A 87 7.62 6.73 -28.52
N VAL A 88 8.68 7.25 -29.15
CA VAL A 88 9.59 8.20 -28.49
C VAL A 88 8.87 9.48 -28.06
N ASP A 89 8.00 9.96 -28.94
CA ASP A 89 7.28 11.22 -28.72
C ASP A 89 6.37 11.19 -27.49
N GLN A 90 6.03 9.99 -27.06
CA GLN A 90 5.15 9.80 -25.93
C GLN A 90 5.90 9.21 -24.73
N ASP A 91 7.21 8.99 -24.91
CA ASP A 91 8.11 8.43 -23.89
C ASP A 91 7.77 6.97 -23.51
N LEU A 92 7.07 6.27 -24.39
CA LEU A 92 6.53 4.95 -24.08
C LEU A 92 7.25 3.82 -24.83
N VAL A 93 7.24 2.62 -24.27
CA VAL A 93 7.83 1.42 -24.86
C VAL A 93 7.09 0.21 -24.28
N GLY A 94 7.11 -0.92 -24.98
CA GLY A 94 6.54 -2.14 -24.39
C GLY A 94 7.04 -3.43 -25.00
N TRP A 95 7.06 -4.50 -24.22
CA TRP A 95 7.38 -5.82 -24.75
C TRP A 95 6.19 -6.75 -24.45
N PRO A 96 6.23 -8.01 -24.95
CA PRO A 96 5.20 -8.96 -24.48
C PRO A 96 5.41 -9.22 -23.00
N ALA A 97 4.34 -9.28 -22.23
CA ALA A 97 4.48 -9.47 -20.79
C ALA A 97 5.07 -10.85 -20.48
N PRO A 98 6.05 -10.89 -19.57
CA PRO A 98 6.76 -12.14 -19.31
C PRO A 98 5.88 -13.24 -18.72
N GLN A 99 6.30 -14.49 -18.94
CA GLN A 99 5.59 -15.64 -18.46
C GLN A 99 5.53 -15.67 -16.94
N GLY A 100 4.32 -15.66 -16.40
CA GLY A 100 4.15 -15.66 -14.95
C GLY A 100 3.79 -14.31 -14.37
N SER A 101 3.84 -13.27 -15.20
CA SER A 101 3.32 -11.95 -14.84
C SER A 101 1.79 -11.99 -14.70
N ARG A 102 1.22 -10.89 -14.18
CA ARG A 102 -0.22 -10.75 -14.02
C ARG A 102 -0.63 -9.36 -14.52
N SER A 103 -1.59 -9.29 -15.44
CA SER A 103 -1.88 -7.99 -16.08
C SER A 103 -2.97 -7.19 -15.41
N LEU A 104 -2.83 -5.87 -15.51
CA LEU A 104 -3.85 -4.94 -15.06
C LEU A 104 -4.89 -4.71 -16.16
N THR A 105 -6.02 -4.11 -15.79
CA THR A 105 -7.08 -3.73 -16.71
C THR A 105 -7.32 -2.22 -16.62
N PRO A 106 -7.45 -1.53 -17.78
CA PRO A 106 -7.68 -0.09 -17.85
C PRO A 106 -8.84 0.38 -16.99
N CYS A 107 -8.78 1.63 -16.53
CA CYS A 107 -9.88 2.25 -15.78
C CYS A 107 -11.12 2.55 -16.65
N THR A 108 -12.31 2.52 -16.03
CA THR A 108 -13.55 2.89 -16.70
C THR A 108 -14.32 3.91 -15.86
N CYS A 109 -14.18 3.79 -14.53
CA CYS A 109 -14.88 4.68 -13.62
C CYS A 109 -14.68 6.20 -13.93
N GLY A 110 -13.54 6.54 -14.55
CA GLY A 110 -13.20 7.93 -14.86
C GLY A 110 -13.03 8.82 -13.63
N SER A 111 -12.98 8.19 -12.45
CA SER A 111 -12.80 8.86 -11.17
C SER A 111 -11.53 9.74 -11.14
N SER A 112 -11.57 10.82 -10.36
CA SER A 112 -10.48 11.77 -10.33
C SER A 112 -9.50 11.62 -9.15
N ASP A 113 -9.73 10.63 -8.30
CA ASP A 113 -8.84 10.41 -7.15
C ASP A 113 -7.92 9.21 -7.44
N LEU A 114 -6.66 9.52 -7.73
CA LEU A 114 -5.73 8.53 -8.24
C LEU A 114 -4.75 8.12 -7.16
N TYR A 115 -4.05 7.02 -7.38
CA TYR A 115 -3.09 6.51 -6.40
C TYR A 115 -1.80 6.01 -7.00
N LEU A 116 -0.70 6.69 -6.69
CA LEU A 116 0.62 6.38 -7.24
C LEU A 116 1.36 5.33 -6.41
N VAL A 117 1.90 4.32 -7.09
CA VAL A 117 2.69 3.28 -6.44
C VAL A 117 4.19 3.54 -6.65
N THR A 118 4.94 3.63 -5.56
CA THR A 118 6.39 3.92 -5.60
C THR A 118 7.21 2.63 -5.67
N ARG A 119 8.48 2.75 -5.99
CA ARG A 119 9.39 1.62 -5.97
C ARG A 119 9.66 1.09 -4.55
N HIS A 120 9.16 1.76 -3.52
CA HIS A 120 9.31 1.30 -2.14
C HIS A 120 8.05 0.63 -1.69
N ALA A 121 7.05 0.60 -2.58
CA ALA A 121 5.72 0.03 -2.32
C ALA A 121 4.89 0.91 -1.36
N ASP A 122 5.13 2.22 -1.44
CA ASP A 122 4.30 3.20 -0.75
C ASP A 122 3.20 3.61 -1.72
N VAL A 123 2.00 3.79 -1.19
CA VAL A 123 0.87 4.18 -2.01
C VAL A 123 0.55 5.65 -1.74
N ILE A 124 0.88 6.51 -2.69
CA ILE A 124 0.65 7.94 -2.56
C ILE A 124 -0.68 8.41 -3.20
N PRO A 125 -1.49 9.16 -2.43
CA PRO A 125 -2.71 9.82 -2.93
C PRO A 125 -2.42 10.99 -3.90
N VAL A 126 -3.05 10.97 -5.07
CA VAL A 126 -2.92 12.03 -6.10
C VAL A 126 -4.27 12.44 -6.70
N ARG A 127 -4.49 13.76 -6.78
CA ARG A 127 -5.73 14.33 -7.33
C ARG A 127 -5.53 14.83 -8.75
N ARG A 128 -6.37 14.37 -9.67
CA ARG A 128 -6.23 14.69 -11.09
C ARG A 128 -6.50 16.15 -11.36
N ARG A 129 -5.76 16.70 -12.33
CA ARG A 129 -6.09 18.02 -12.92
C ARG A 129 -6.39 17.88 -14.41
N GLY A 130 -5.33 17.79 -15.22
CA GLY A 130 -5.47 17.65 -16.67
C GLY A 130 -5.54 16.20 -17.09
N ASP A 131 -5.11 15.92 -18.32
CA ASP A 131 -5.04 14.56 -18.87
C ASP A 131 -3.70 13.92 -18.60
N SER A 132 -2.67 14.76 -18.49
CA SER A 132 -1.31 14.31 -18.20
C SER A 132 -0.79 14.72 -16.82
N ARG A 133 -1.50 15.60 -16.13
CA ARG A 133 -1.04 16.12 -14.83
C ARG A 133 -1.93 15.71 -13.69
N GLY A 134 -1.49 16.03 -12.47
CA GLY A 134 -2.21 15.68 -11.26
C GLY A 134 -1.34 16.09 -10.09
N SER A 135 -1.98 16.48 -8.99
CA SER A 135 -1.25 17.11 -7.89
C SER A 135 -1.15 16.23 -6.67
N LEU A 136 -0.02 16.36 -5.97
CA LEU A 136 0.26 15.66 -4.70
C LEU A 136 -0.56 16.25 -3.56
N LEU A 137 -1.03 15.38 -2.67
CA LEU A 137 -1.83 15.85 -1.56
C LEU A 137 -0.97 16.37 -0.42
N SER A 138 0.30 15.99 -0.45
CA SER A 138 1.25 16.36 0.59
C SER A 138 2.66 16.25 0.03
N PRO A 139 3.44 17.34 0.12
CA PRO A 139 4.68 17.42 -0.66
C PRO A 139 5.77 16.48 -0.14
N ARG A 140 6.63 16.03 -1.06
CA ARG A 140 7.76 15.16 -0.73
C ARG A 140 9.04 15.65 -1.44
N PRO A 141 10.22 15.33 -0.90
CA PRO A 141 11.48 15.74 -1.55
C PRO A 141 11.67 14.97 -2.84
N ILE A 142 12.35 15.57 -3.80
CA ILE A 142 12.44 14.94 -5.12
C ILE A 142 13.14 13.57 -5.09
N SER A 143 14.14 13.46 -4.23
CA SER A 143 14.93 12.23 -4.07
C SER A 143 14.04 11.04 -3.75
N TYR A 144 12.96 11.26 -3.01
CA TYR A 144 12.06 10.18 -2.63
C TYR A 144 11.34 9.55 -3.84
N LEU A 145 10.88 10.40 -4.76
CA LEU A 145 10.18 9.91 -5.94
C LEU A 145 11.09 9.36 -7.01
N LYS A 146 12.40 9.43 -6.79
CA LYS A 146 13.31 8.99 -7.84
C LYS A 146 13.36 7.47 -7.96
N GLY A 147 13.42 7.02 -9.21
CA GLY A 147 13.45 5.60 -9.52
C GLY A 147 12.07 4.94 -9.60
N SER A 148 11.01 5.73 -9.54
CA SER A 148 9.67 5.17 -9.59
C SER A 148 8.96 5.47 -10.92
N SER A 149 9.72 5.74 -11.98
CA SER A 149 9.15 6.05 -13.30
C SER A 149 8.64 4.81 -14.01
N GLY A 150 7.44 4.91 -14.58
CA GLY A 150 6.79 3.73 -15.16
C GLY A 150 5.96 2.97 -14.15
N GLY A 151 5.83 3.53 -12.95
CA GLY A 151 4.94 2.95 -11.94
C GLY A 151 3.51 3.34 -12.24
N PRO A 152 2.54 2.45 -11.94
CA PRO A 152 1.15 2.78 -12.31
C PRO A 152 0.48 3.79 -11.37
N LEU A 153 -0.48 4.55 -11.91
CA LEU A 153 -1.45 5.33 -11.13
C LEU A 153 -2.83 4.71 -11.27
N LEU A 154 -3.48 4.41 -10.15
CA LEU A 154 -4.76 3.67 -10.16
C LEU A 154 -5.93 4.47 -9.62
N CYS A 155 -7.13 4.11 -10.09
CA CYS A 155 -8.37 4.62 -9.52
C CYS A 155 -8.60 3.85 -8.20
N PRO A 156 -9.65 4.21 -7.44
CA PRO A 156 -9.87 3.48 -6.19
C PRO A 156 -10.33 2.03 -6.34
N ALA A 157 -10.84 1.65 -7.51
CA ALA A 157 -11.20 0.26 -7.82
C ALA A 157 -9.99 -0.68 -8.14
N GLY A 158 -8.81 -0.08 -8.31
CA GLY A 158 -7.58 -0.81 -8.65
C GLY A 158 -7.20 -0.92 -10.13
N HIS A 159 -7.62 0.02 -10.95
CA HIS A 159 -7.37 -0.08 -12.39
C HIS A 159 -6.37 0.95 -12.90
N ALA A 160 -5.74 0.61 -14.01
CA ALA A 160 -4.73 1.47 -14.61
C ALA A 160 -5.31 2.77 -15.15
N VAL A 161 -4.76 3.90 -14.69
CA VAL A 161 -5.10 5.18 -15.28
C VAL A 161 -3.95 5.71 -16.13
N GLY A 162 -2.73 5.48 -15.67
CA GLY A 162 -1.55 5.94 -16.39
C GLY A 162 -0.21 5.49 -15.85
N LEU A 163 0.87 6.10 -16.35
CA LEU A 163 2.22 5.79 -15.88
C LEU A 163 3.01 7.04 -15.60
N PHE A 164 3.65 7.06 -14.42
CA PHE A 164 4.46 8.17 -13.92
C PHE A 164 5.68 8.43 -14.84
N ARG A 165 5.66 9.61 -15.46
CA ARG A 165 6.72 10.01 -16.37
C ARG A 165 7.69 10.95 -15.68
N ALA A 166 7.21 12.13 -15.28
CA ALA A 166 8.06 13.19 -14.68
C ALA A 166 7.39 13.92 -13.51
N ALA A 167 8.18 14.61 -12.69
CA ALA A 167 7.69 15.29 -11.50
C ALA A 167 7.92 16.81 -11.49
N VAL A 168 7.00 17.54 -10.86
CA VAL A 168 7.01 19.00 -10.78
C VAL A 168 7.65 19.46 -9.48
N CYS A 169 8.84 20.04 -9.56
CA CYS A 169 9.49 20.50 -8.34
C CYS A 169 10.02 21.93 -8.44
N THR A 170 10.02 22.59 -7.29
CA THR A 170 10.47 23.97 -7.18
C THR A 170 11.30 24.08 -5.90
N ARG A 171 12.61 23.88 -6.05
CA ARG A 171 13.61 23.90 -4.96
C ARG A 171 13.78 22.53 -4.28
N GLY A 172 13.89 21.49 -5.09
CA GLY A 172 14.12 20.15 -4.57
C GLY A 172 12.95 19.55 -3.80
N VAL A 173 11.75 20.10 -4.00
CA VAL A 173 10.52 19.58 -3.37
C VAL A 173 9.42 19.37 -4.42
N ALA A 174 8.95 18.13 -4.53
CA ALA A 174 7.96 17.75 -5.53
C ALA A 174 6.56 18.18 -5.15
N LYS A 175 5.83 18.75 -6.09
CA LYS A 175 4.49 19.28 -5.83
C LYS A 175 3.39 18.56 -6.61
N ALA A 176 3.69 18.22 -7.87
CA ALA A 176 2.74 17.56 -8.78
C ALA A 176 3.43 16.50 -9.61
N VAL A 177 2.65 15.73 -10.38
CA VAL A 177 3.21 14.69 -11.28
C VAL A 177 2.68 14.72 -12.72
N ASP A 178 3.56 14.39 -13.65
CA ASP A 178 3.19 14.31 -15.04
C ASP A 178 3.22 12.85 -15.46
N PHE A 179 2.11 12.36 -16.03
CA PHE A 179 2.00 10.95 -16.38
C PHE A 179 1.40 10.68 -17.75
N ILE A 180 1.69 9.50 -18.30
CA ILE A 180 1.14 9.00 -19.57
C ILE A 180 -0.22 8.33 -19.33
N PRO A 181 -1.29 8.79 -20.01
CA PRO A 181 -2.64 8.26 -19.78
C PRO A 181 -2.88 6.95 -20.51
N VAL A 182 -3.92 6.21 -20.12
CA VAL A 182 -4.16 4.90 -20.74
C VAL A 182 -4.59 4.94 -22.20
N GLU A 183 -5.21 6.04 -22.63
CA GLU A 183 -5.62 6.19 -24.03
C GLU A 183 -4.41 6.15 -24.95
N ASN A 184 -3.30 6.72 -24.47
CA ASN A 184 -2.04 6.81 -25.24
C ASN A 184 -1.34 5.46 -25.45
N LEU A 185 -1.85 4.42 -24.81
CA LEU A 185 -1.42 3.06 -25.07
C LEU A 185 -2.07 2.64 -26.38
N GLU A 186 -3.40 2.70 -26.40
CA GLU A 186 -4.17 2.36 -27.59
C GLU A 186 -3.58 3.06 -28.79
N THR A 187 -3.52 4.39 -28.71
CA THR A 187 -2.91 5.23 -29.73
C THR A 187 -1.73 4.54 -30.35
N THR A 188 -0.78 4.22 -29.50
CA THR A 188 0.53 3.74 -29.91
C THR A 188 0.49 2.32 -30.52
N MET A 189 -0.62 1.59 -30.34
CA MET A 189 -0.70 0.20 -30.86
C MET A 189 -1.16 0.08 -32.32
N ARG A 190 -0.93 1.13 -33.11
CA ARG A 190 -1.25 1.15 -34.54
C ARG A 190 -0.15 1.80 -35.41
N GLN B 38 11.87 -11.29 9.21
CA GLN B 38 11.99 -9.92 8.65
C GLN B 38 10.66 -9.44 8.05
N VAL B 39 9.58 -10.22 8.27
CA VAL B 39 8.22 -9.88 7.82
C VAL B 39 7.47 -9.24 8.98
N GLU B 40 7.05 -7.99 8.81
CA GLU B 40 6.51 -7.19 9.93
C GLU B 40 5.05 -6.76 9.74
N GLY B 41 4.33 -6.62 10.86
CA GLY B 41 2.91 -6.25 10.81
C GLY B 41 2.51 -4.99 11.55
N GLU B 42 1.59 -4.24 10.94
CA GLU B 42 1.07 -3.01 11.52
C GLU B 42 0.11 -3.29 12.67
N VAL B 43 -0.59 -4.43 12.56
CA VAL B 43 -1.68 -4.76 13.48
C VAL B 43 -1.32 -5.92 14.40
N GLN B 44 -1.43 -5.69 15.71
CA GLN B 44 -1.16 -6.72 16.72
C GLN B 44 -2.45 -7.23 17.37
N ILE B 45 -2.58 -8.55 17.41
CA ILE B 45 -3.63 -9.22 18.18
C ILE B 45 -3.12 -9.45 19.61
N VAL B 46 -3.75 -8.77 20.56
CA VAL B 46 -3.28 -8.76 21.94
C VAL B 46 -4.24 -9.46 22.88
N SER B 47 -3.79 -9.71 24.11
CA SER B 47 -4.58 -10.41 25.15
C SER B 47 -4.26 -9.97 26.57
N THR B 48 -5.29 -10.01 27.42
CA THR B 48 -5.14 -9.91 28.88
C THR B 48 -5.73 -11.18 29.50
N ALA B 49 -6.05 -11.12 30.79
CA ALA B 49 -6.62 -12.28 31.47
C ALA B 49 -8.09 -12.49 31.10
N THR B 50 -8.83 -11.38 31.04
CA THR B 50 -10.29 -11.41 30.86
C THR B 50 -10.74 -11.32 29.37
N GLN B 51 -10.27 -10.28 28.67
CA GLN B 51 -10.65 -9.98 27.29
C GLN B 51 -9.55 -10.37 26.27
N THR B 52 -9.76 -9.98 25.00
CA THR B 52 -8.81 -10.20 23.89
C THR B 52 -9.21 -9.32 22.69
N PHE B 53 -8.29 -8.46 22.24
CA PHE B 53 -8.66 -7.43 21.26
C PHE B 53 -7.56 -7.11 20.23
N LEU B 54 -7.52 -5.86 19.75
CA LEU B 54 -6.59 -5.44 18.70
C LEU B 54 -5.75 -4.22 19.04
N ALA B 55 -4.53 -4.21 18.53
CA ALA B 55 -3.68 -3.03 18.56
C ALA B 55 -3.17 -2.69 17.15
N THR B 56 -2.84 -1.43 16.95
CA THR B 56 -2.48 -0.90 15.63
C THR B 56 -1.38 0.15 15.79
N CYS B 57 -0.27 -0.05 15.07
CA CYS B 57 0.89 0.83 15.22
C CYS B 57 0.83 2.01 14.28
N ILE B 58 0.79 3.22 14.81
CA ILE B 58 0.79 4.40 13.95
C ILE B 58 1.77 5.44 14.47
N ASN B 59 2.74 5.80 13.65
CA ASN B 59 3.72 6.86 13.96
C ASN B 59 4.60 6.61 15.20
N GLY B 60 5.14 5.39 15.32
CA GLY B 60 6.04 5.03 16.42
C GLY B 60 5.37 4.52 17.69
N VAL B 61 4.04 4.51 17.68
CA VAL B 61 3.23 4.16 18.85
C VAL B 61 2.28 3.01 18.54
N CYS B 62 2.22 2.05 19.45
CA CYS B 62 1.27 0.95 19.34
C CYS B 62 0.00 1.30 20.13
N TRP B 63 -1.10 1.50 19.41
CA TRP B 63 -2.33 2.06 19.96
C TRP B 63 -3.42 1.02 20.24
N THR B 64 -4.32 1.36 21.17
CA THR B 64 -5.50 0.55 21.53
C THR B 64 -6.49 1.25 22.50
N VAL B 65 -7.59 0.55 22.80
CA VAL B 65 -8.71 1.06 23.63
C VAL B 65 -8.61 0.87 25.16
N TYR B 66 -8.91 1.94 25.90
CA TYR B 66 -8.92 1.93 27.37
C TYR B 66 -9.86 0.90 28.00
N HIS B 67 -10.95 0.56 27.31
CA HIS B 67 -11.93 -0.40 27.83
C HIS B 67 -11.50 -1.86 27.62
N GLY B 68 -10.29 -2.04 27.10
CA GLY B 68 -9.70 -3.37 26.97
C GLY B 68 -8.40 -3.43 27.73
N ALA B 69 -7.76 -2.28 27.91
CA ALA B 69 -6.38 -2.23 28.40
C ALA B 69 -6.22 -1.93 29.91
N GLY B 70 -6.88 -0.87 30.37
CA GLY B 70 -6.62 -0.33 31.70
C GLY B 70 -5.36 0.48 31.61
N THR B 71 -4.59 0.52 32.70
CA THR B 71 -3.27 1.17 32.71
C THR B 71 -2.14 0.14 32.75
N ARG B 72 -2.45 -1.03 32.19
CA ARG B 72 -1.48 -2.12 32.06
C ARG B 72 -0.24 -1.73 31.28
N THR B 73 0.82 -2.44 31.59
CA THR B 73 2.07 -2.34 30.92
C THR B 73 2.04 -3.36 29.82
N ILE B 74 2.91 -3.20 28.81
CA ILE B 74 3.04 -4.24 27.79
C ILE B 74 4.26 -5.12 28.05
N ALA B 75 4.14 -6.41 27.68
CA ALA B 75 5.15 -7.41 27.95
C ALA B 75 6.24 -7.44 26.88
N SER B 76 7.49 -7.23 27.31
CA SER B 76 8.67 -7.35 26.43
C SER B 76 9.72 -8.26 27.09
N PRO B 77 10.69 -8.78 26.32
CA PRO B 77 11.61 -9.76 26.90
C PRO B 77 12.66 -9.11 27.79
N LYS B 78 12.61 -7.80 27.87
CA LYS B 78 13.39 -7.07 28.86
C LYS B 78 12.47 -6.64 30.00
N GLY B 79 11.41 -7.42 30.25
CA GLY B 79 10.42 -7.10 31.28
C GLY B 79 9.31 -6.14 30.84
N PRO B 80 8.50 -5.64 31.80
CA PRO B 80 7.33 -4.78 31.57
C PRO B 80 7.68 -3.42 31.00
N VAL B 81 6.75 -2.84 30.24
CA VAL B 81 6.96 -1.55 29.58
C VAL B 81 5.74 -0.64 29.76
N ILE B 82 5.96 0.49 30.43
CA ILE B 82 4.88 1.43 30.80
C ILE B 82 4.34 2.25 29.63
N GLN B 83 3.04 2.54 29.66
CA GLN B 83 2.36 3.33 28.62
C GLN B 83 2.94 4.74 28.45
N MET B 84 2.90 5.25 27.22
CA MET B 84 3.41 6.59 26.90
C MET B 84 2.32 7.61 27.02
N TYR B 85 1.14 7.25 26.54
CA TYR B 85 0.02 8.17 26.49
C TYR B 85 -1.21 7.48 27.03
N THR B 86 -1.89 8.15 27.97
CA THR B 86 -3.17 7.67 28.52
C THR B 86 -4.24 8.74 28.31
N ASN B 87 -5.43 8.33 27.88
CA ASN B 87 -6.55 9.24 27.68
C ASN B 87 -7.89 8.57 27.94
N VAL B 88 -8.40 8.74 29.16
CA VAL B 88 -9.66 8.13 29.59
C VAL B 88 -10.84 8.66 28.77
N ASP B 89 -10.83 9.97 28.52
CA ASP B 89 -11.89 10.69 27.78
C ASP B 89 -12.03 10.19 26.36
N GLN B 90 -10.96 9.61 25.84
CA GLN B 90 -10.89 9.23 24.44
C GLN B 90 -10.91 7.73 24.19
N ASP B 91 -10.95 6.95 25.29
CA ASP B 91 -10.88 5.48 25.23
C ASP B 91 -9.54 4.99 24.65
N LEU B 92 -8.49 5.80 24.87
CA LEU B 92 -7.23 5.67 24.15
C LEU B 92 -6.02 5.39 25.04
N VAL B 93 -5.12 4.54 24.53
CA VAL B 93 -3.90 4.16 25.23
C VAL B 93 -2.77 3.89 24.21
N GLY B 94 -1.53 4.21 24.59
CA GLY B 94 -0.38 3.98 23.72
C GLY B 94 0.92 3.57 24.40
N TRP B 95 1.58 2.55 23.85
CA TRP B 95 2.92 2.15 24.25
C TRP B 95 3.90 2.45 23.14
N PRO B 96 5.22 2.41 23.43
CA PRO B 96 6.22 2.44 22.36
C PRO B 96 6.13 1.17 21.53
N ALA B 97 6.11 1.32 20.20
CA ALA B 97 5.89 0.21 19.27
C ALA B 97 6.86 -0.97 19.46
N PRO B 98 6.33 -2.21 19.55
CA PRO B 98 7.12 -3.41 19.89
C PRO B 98 8.07 -3.87 18.80
N GLN B 99 8.72 -5.01 19.02
CA GLN B 99 9.54 -5.63 18.00
C GLN B 99 8.72 -6.46 16.99
N GLY B 100 9.05 -6.31 15.70
CA GLY B 100 8.31 -7.02 14.64
C GLY B 100 7.06 -6.28 14.24
N SER B 101 7.15 -4.95 14.26
CA SER B 101 6.03 -4.07 13.92
C SER B 101 6.49 -2.96 12.99
N ARG B 102 5.63 -2.61 12.05
CA ARG B 102 5.88 -1.49 11.16
C ARG B 102 4.65 -0.61 11.16
N SER B 103 4.86 0.70 11.13
CA SER B 103 3.75 1.66 11.30
C SER B 103 2.98 1.99 10.02
N LEU B 104 1.70 2.30 10.21
CA LEU B 104 0.82 2.86 9.20
C LEU B 104 0.95 4.38 9.20
N THR B 105 0.64 4.99 8.07
CA THR B 105 0.63 6.44 7.98
C THR B 105 -0.82 6.93 8.05
N PRO B 106 -1.04 8.12 8.64
CA PRO B 106 -2.38 8.76 8.68
C PRO B 106 -3.00 9.02 7.28
N CYS B 107 -4.33 8.92 7.14
CA CYS B 107 -4.98 9.26 5.84
C CYS B 107 -4.89 10.73 5.47
N THR B 108 -4.75 10.95 4.17
CA THR B 108 -4.54 12.27 3.63
C THR B 108 -5.66 12.61 2.63
N CYS B 109 -6.32 11.58 2.08
CA CYS B 109 -7.23 11.78 0.94
C CYS B 109 -8.60 12.37 1.27
N GLY B 110 -8.94 12.41 2.57
CA GLY B 110 -10.23 12.95 3.00
C GLY B 110 -11.42 12.05 2.66
N SER B 111 -11.22 11.09 1.76
CA SER B 111 -12.24 10.10 1.35
C SER B 111 -13.11 9.63 2.53
N SER B 112 -14.37 9.36 2.27
CA SER B 112 -15.25 8.87 3.32
C SER B 112 -15.63 7.41 3.16
N ASP B 113 -14.91 6.69 2.30
CA ASP B 113 -15.20 5.29 2.01
C ASP B 113 -14.17 4.34 2.64
N LEU B 114 -14.48 3.93 3.86
CA LEU B 114 -13.53 3.23 4.73
C LEU B 114 -13.62 1.71 4.58
N TYR B 115 -12.69 1.02 5.24
CA TYR B 115 -12.66 -0.43 5.26
C TYR B 115 -12.10 -0.86 6.58
N LEU B 116 -12.93 -1.57 7.35
CA LEU B 116 -12.55 -2.07 8.66
C LEU B 116 -11.97 -3.50 8.60
N VAL B 117 -10.89 -3.70 9.36
CA VAL B 117 -10.19 -4.97 9.42
C VAL B 117 -10.50 -5.72 10.72
N THR B 118 -10.99 -6.95 10.58
CA THR B 118 -11.37 -7.77 11.72
C THR B 118 -10.21 -8.66 12.12
N ARG B 119 -10.24 -9.11 13.37
CA ARG B 119 -9.17 -9.94 13.94
C ARG B 119 -9.01 -11.31 13.25
N HIS B 120 -9.80 -11.58 12.22
CA HIS B 120 -9.63 -12.79 11.40
C HIS B 120 -9.10 -12.37 10.05
N ALA B 121 -8.82 -11.07 9.93
CA ALA B 121 -8.36 -10.41 8.71
C ALA B 121 -9.40 -10.45 7.59
N ASP B 122 -10.62 -10.05 7.92
CA ASP B 122 -11.65 -9.85 6.92
C ASP B 122 -11.81 -8.34 6.73
N VAL B 123 -12.28 -7.95 5.56
CA VAL B 123 -12.44 -6.54 5.24
C VAL B 123 -13.92 -6.20 5.12
N ILE B 124 -14.36 -5.25 5.94
CA ILE B 124 -15.74 -4.80 5.95
C ILE B 124 -15.80 -3.38 5.39
N PRO B 125 -16.58 -3.17 4.32
CA PRO B 125 -16.76 -1.81 3.77
C PRO B 125 -17.64 -0.94 4.70
N VAL B 126 -17.28 0.32 4.87
CA VAL B 126 -18.01 1.21 5.78
C VAL B 126 -18.10 2.60 5.17
N ARG B 127 -19.15 3.33 5.53
CA ARG B 127 -19.38 4.68 5.02
C ARG B 127 -19.44 5.68 6.18
N ARG B 128 -18.61 6.71 6.07
CA ARG B 128 -18.46 7.73 7.11
C ARG B 128 -19.63 8.71 7.13
N ARG B 129 -20.22 8.92 8.30
CA ARG B 129 -21.24 9.95 8.46
C ARG B 129 -20.64 11.21 9.13
N GLY B 130 -20.51 11.17 10.46
CA GLY B 130 -19.86 12.26 11.20
C GLY B 130 -18.37 12.00 11.46
N ASP B 131 -17.82 12.67 12.47
CA ASP B 131 -16.40 12.55 12.82
C ASP B 131 -16.03 11.19 13.37
N SER B 132 -16.95 10.59 14.12
CA SER B 132 -16.73 9.28 14.73
C SER B 132 -17.77 8.22 14.32
N ARG B 133 -18.76 8.63 13.55
CA ARG B 133 -19.82 7.73 13.12
C ARG B 133 -19.48 7.14 11.76
N GLY B 134 -19.88 5.90 11.55
CA GLY B 134 -19.70 5.25 10.26
C GLY B 134 -20.67 4.10 10.15
N SER B 135 -21.40 4.04 9.03
CA SER B 135 -22.44 3.03 8.85
C SER B 135 -22.02 1.87 7.96
N LEU B 136 -22.28 0.66 8.40
CA LEU B 136 -21.94 -0.53 7.62
C LEU B 136 -22.71 -0.53 6.32
N LEU B 137 -22.09 -1.06 5.27
CA LEU B 137 -22.74 -1.26 3.98
C LEU B 137 -23.47 -2.58 3.98
N SER B 138 -23.02 -3.50 4.81
CA SER B 138 -23.65 -4.79 4.92
C SER B 138 -23.75 -5.07 6.43
N PRO B 139 -24.96 -4.90 7.01
CA PRO B 139 -25.16 -5.13 8.44
C PRO B 139 -24.92 -6.60 8.84
N ARG B 140 -24.45 -6.80 10.08
CA ARG B 140 -23.91 -8.08 10.51
C ARG B 140 -24.34 -8.46 11.94
N PRO B 141 -24.34 -9.77 12.27
CA PRO B 141 -24.52 -10.20 13.66
C PRO B 141 -23.48 -9.57 14.58
N ILE B 142 -23.83 -9.32 15.84
CA ILE B 142 -22.91 -8.67 16.78
C ILE B 142 -21.72 -9.56 17.13
N SER B 143 -21.96 -10.87 17.19
CA SER B 143 -20.91 -11.87 17.46
C SER B 143 -19.65 -11.68 16.59
N TYR B 144 -19.87 -11.27 15.34
CA TYR B 144 -18.87 -11.22 14.28
C TYR B 144 -17.84 -10.09 14.36
N LEU B 145 -18.21 -8.98 15.00
CA LEU B 145 -17.29 -7.85 15.20
C LEU B 145 -16.55 -7.85 16.52
N LYS B 146 -16.88 -8.81 17.37
CA LYS B 146 -16.42 -8.82 18.76
C LYS B 146 -14.99 -9.34 18.89
N GLY B 147 -14.20 -8.65 19.71
CA GLY B 147 -12.77 -8.90 19.84
C GLY B 147 -11.91 -8.12 18.86
N SER B 148 -12.54 -7.28 18.06
CA SER B 148 -11.81 -6.55 17.03
C SER B 148 -11.76 -5.07 17.30
N SER B 149 -11.74 -4.68 18.58
CA SER B 149 -11.59 -3.27 18.95
C SER B 149 -10.11 -2.86 18.96
N GLY B 150 -9.85 -1.60 18.64
CA GLY B 150 -8.48 -1.12 18.53
C GLY B 150 -7.96 -1.23 17.11
N GLY B 151 -8.47 -2.20 16.35
CA GLY B 151 -8.14 -2.36 14.93
C GLY B 151 -8.38 -1.12 14.07
N PRO B 152 -7.78 -1.10 12.86
CA PRO B 152 -7.81 0.11 12.05
C PRO B 152 -9.02 0.23 11.11
N LEU B 153 -9.37 1.49 10.81
CA LEU B 153 -10.29 1.82 9.75
C LEU B 153 -9.53 2.55 8.64
N LEU B 154 -9.41 1.89 7.48
CA LEU B 154 -8.48 2.28 6.42
C LEU B 154 -9.14 2.87 5.18
N CYS B 155 -8.63 4.01 4.69
CA CYS B 155 -9.10 4.63 3.45
C CYS B 155 -8.71 3.77 2.26
N PRO B 156 -9.15 4.14 1.04
CA PRO B 156 -8.89 3.25 -0.12
C PRO B 156 -7.41 3.10 -0.45
N ALA B 157 -6.61 4.06 -0.01
CA ALA B 157 -5.16 4.09 -0.25
C ALA B 157 -4.36 3.22 0.74
N GLY B 158 -5.08 2.55 1.63
CA GLY B 158 -4.46 1.72 2.63
C GLY B 158 -3.97 2.52 3.81
N HIS B 159 -4.14 3.83 3.76
CA HIS B 159 -3.72 4.70 4.85
C HIS B 159 -4.71 4.60 6.04
N ALA B 160 -4.46 5.33 7.13
CA ALA B 160 -5.21 5.11 8.38
C ALA B 160 -6.10 6.28 8.74
N VAL B 161 -7.32 5.98 9.23
CA VAL B 161 -8.36 7.00 9.50
C VAL B 161 -8.87 7.02 10.96
N GLY B 162 -9.00 5.84 11.57
CA GLY B 162 -9.40 5.71 12.97
C GLY B 162 -9.20 4.31 13.55
N LEU B 163 -9.50 4.16 14.84
CA LEU B 163 -9.48 2.85 15.48
C LEU B 163 -10.88 2.54 15.97
N PHE B 164 -11.35 1.32 15.70
CA PHE B 164 -12.72 0.90 15.98
C PHE B 164 -13.06 0.83 17.47
N ARG B 165 -13.86 1.79 17.95
CA ARG B 165 -14.21 1.98 19.38
C ARG B 165 -15.28 1.00 19.91
N ALA B 166 -16.43 0.95 19.23
CA ALA B 166 -17.58 0.07 19.56
C ALA B 166 -18.64 0.00 18.45
N ALA B 167 -19.47 -1.05 18.51
CA ALA B 167 -20.53 -1.29 17.52
C ALA B 167 -21.90 -0.81 17.99
N VAL B 168 -22.72 -0.31 17.07
CA VAL B 168 -24.06 0.17 17.40
C VAL B 168 -25.07 -0.88 17.00
N CYS B 169 -25.88 -1.30 17.98
CA CYS B 169 -26.77 -2.43 17.81
C CYS B 169 -28.24 -2.16 18.09
N THR B 170 -29.08 -2.62 17.17
CA THR B 170 -30.52 -2.61 17.37
C THR B 170 -30.97 -4.08 17.32
N ARG B 171 -31.30 -4.58 18.52
CA ARG B 171 -31.70 -5.97 18.76
C ARG B 171 -30.68 -6.98 18.24
N GLY B 172 -29.44 -6.80 18.71
CA GLY B 172 -28.36 -7.74 18.44
C GLY B 172 -27.69 -7.62 17.08
N VAL B 173 -28.25 -6.80 16.21
CA VAL B 173 -27.69 -6.67 14.88
C VAL B 173 -26.94 -5.33 14.75
N ALA B 174 -25.62 -5.41 14.55
CA ALA B 174 -24.76 -4.25 14.43
C ALA B 174 -24.93 -3.57 13.08
N LYS B 175 -25.24 -2.27 13.14
CA LYS B 175 -25.62 -1.51 11.93
C LYS B 175 -24.67 -0.37 11.58
N ALA B 176 -24.07 0.26 12.58
CA ALA B 176 -23.07 1.29 12.36
C ALA B 176 -21.89 1.08 13.29
N VAL B 177 -20.85 1.90 13.18
CA VAL B 177 -19.76 1.86 14.15
C VAL B 177 -19.26 3.22 14.60
N ASP B 178 -18.69 3.19 15.80
CA ASP B 178 -18.03 4.31 16.41
C ASP B 178 -16.52 4.05 16.28
N PHE B 179 -15.73 5.10 16.11
CA PHE B 179 -14.28 4.95 16.03
C PHE B 179 -13.57 6.20 16.53
N ILE B 180 -12.34 6.05 17.01
CA ILE B 180 -11.54 7.21 17.41
C ILE B 180 -10.78 7.78 16.22
N PRO B 181 -11.04 9.05 15.87
CA PRO B 181 -10.41 9.65 14.68
C PRO B 181 -8.89 9.73 14.82
N VAL B 182 -8.21 9.94 13.71
CA VAL B 182 -6.76 9.96 13.75
C VAL B 182 -6.23 11.27 14.35
N GLU B 183 -6.98 12.35 14.17
CA GLU B 183 -6.59 13.70 14.60
C GLU B 183 -6.43 13.76 16.11
N ASN B 184 -7.05 12.80 16.79
CA ASN B 184 -6.96 12.64 18.23
C ASN B 184 -5.60 12.07 18.62
N LEU B 185 -5.24 10.95 17.99
CA LEU B 185 -3.96 10.28 18.23
C LEU B 185 -2.77 11.17 17.90
N GLU B 186 -3.03 12.31 17.27
CA GLU B 186 -2.00 13.30 16.99
C GLU B 186 -1.95 14.35 18.10
N THR B 187 -3.12 14.81 18.53
CA THR B 187 -3.23 15.81 19.60
C THR B 187 -2.89 15.19 20.95
N THR B 188 -3.16 13.89 21.08
CA THR B 188 -2.73 13.14 22.26
C THR B 188 -1.20 13.12 22.28
N MET B 189 -0.57 12.81 21.14
CA MET B 189 0.90 12.79 21.00
C MET B 189 1.63 14.05 21.49
N ARG B 190 0.86 15.12 21.70
CA ARG B 190 1.38 16.35 22.29
C ARG B 190 0.42 16.81 23.38
N LYS C 2 25.41 -1.83 -26.30
CA LYS C 2 24.13 -1.56 -25.57
C LYS C 2 23.56 -2.87 -25.01
N GLY C 3 23.44 -2.97 -23.69
CA GLY C 3 23.04 -4.21 -23.01
C GLY C 3 21.55 -4.53 -23.14
N SER C 4 21.01 -5.18 -22.11
CA SER C 4 19.59 -5.57 -22.06
C SER C 4 18.95 -5.14 -20.76
N VAL C 5 17.65 -4.84 -20.79
CA VAL C 5 16.92 -4.54 -19.56
C VAL C 5 16.76 -5.83 -18.75
N VAL C 6 16.98 -5.73 -17.44
CA VAL C 6 16.93 -6.88 -16.53
C VAL C 6 15.94 -6.64 -15.38
N ILE C 7 15.08 -7.61 -15.11
CA ILE C 7 14.20 -7.53 -13.94
C ILE C 7 15.01 -7.82 -12.68
N VAL C 8 14.84 -7.00 -11.64
CA VAL C 8 15.56 -7.21 -10.38
C VAL C 8 14.68 -7.21 -9.12
N GLY C 9 13.37 -7.10 -9.33
CA GLY C 9 12.43 -7.13 -8.22
C GLY C 9 11.03 -7.01 -8.76
N ARG C 10 10.05 -7.08 -7.85
CA ARG C 10 8.63 -7.07 -8.20
C ARG C 10 7.84 -6.36 -7.12
N ILE C 11 6.68 -5.83 -7.48
CA ILE C 11 5.79 -5.20 -6.52
C ILE C 11 4.41 -5.77 -6.78
N VAL C 12 3.83 -6.36 -5.72
CA VAL C 12 2.58 -7.15 -5.83
C VAL C 12 1.36 -6.48 -5.20
N LEU C 13 0.41 -6.10 -6.07
CA LEU C 13 -0.79 -5.39 -5.67
C LEU C 13 -1.86 -6.36 -5.16
N SER C 14 -1.99 -7.47 -5.86
CA SER C 14 -2.98 -8.51 -5.57
C SER C 14 -2.81 -9.24 -4.22
N GLY C 15 -2.04 -8.66 -3.31
CA GLY C 15 -1.90 -9.19 -1.96
C GLY C 15 -2.98 -8.60 -1.07
N LYS C 16 -3.51 -9.44 -0.18
CA LYS C 16 -4.60 -9.05 0.71
C LYS C 16 -4.25 -9.42 2.16
N PRO C 17 -4.61 -8.56 3.14
CA PRO C 17 -4.24 -8.79 4.53
C PRO C 17 -4.47 -10.21 4.99
N ALA C 18 -3.50 -10.76 5.72
CA ALA C 18 -3.63 -12.06 6.41
C ALA C 18 -2.68 -12.22 7.62
N ILE C 19 -2.96 -13.23 8.46
CA ILE C 19 -2.25 -13.44 9.73
C ILE C 19 -0.90 -14.16 9.55
N ILE C 20 0.19 -13.48 9.88
CA ILE C 20 1.56 -14.00 9.69
C ILE C 20 1.78 -15.32 10.43
N PRO C 21 2.06 -16.40 9.66
CA PRO C 21 2.16 -17.72 10.26
C PRO C 21 3.47 -17.92 11.02
N LYS C 22 3.42 -18.76 12.06
CA LYS C 22 4.59 -19.06 12.90
C LYS C 22 5.23 -20.39 12.51
N GLY D 3 -1.04 -7.04 36.32
CA GLY D 3 -1.07 -7.75 35.00
C GLY D 3 -0.44 -6.98 33.85
N SER D 4 -0.18 -7.68 32.74
CA SER D 4 0.44 -7.09 31.54
C SER D 4 -0.28 -7.52 30.24
N VAL D 5 -0.33 -6.62 29.24
CA VAL D 5 -0.87 -7.00 27.92
C VAL D 5 0.14 -7.83 27.12
N VAL D 6 -0.37 -8.88 26.49
CA VAL D 6 0.47 -9.87 25.82
C VAL D 6 0.20 -9.89 24.30
N ILE D 7 1.26 -9.88 23.47
CA ILE D 7 1.09 -10.04 22.02
C ILE D 7 1.00 -11.52 21.69
N VAL D 8 -0.03 -11.88 20.93
CA VAL D 8 -0.36 -13.27 20.64
C VAL D 8 -0.42 -13.58 19.14
N GLY D 9 -0.32 -12.55 18.31
CA GLY D 9 -0.33 -12.69 16.85
C GLY D 9 -0.30 -11.36 16.15
N ARG D 10 0.12 -11.38 14.88
CA ARG D 10 0.28 -10.15 14.08
C ARG D 10 -0.44 -10.25 12.74
N ILE D 11 -0.86 -9.11 12.19
CA ILE D 11 -1.47 -9.11 10.86
C ILE D 11 -0.81 -8.11 9.91
N VAL D 12 -0.43 -8.60 8.73
CA VAL D 12 0.22 -7.77 7.71
C VAL D 12 -0.75 -7.39 6.58
N LEU D 13 -1.08 -6.10 6.50
CA LEU D 13 -2.06 -5.59 5.53
C LEU D 13 -1.64 -5.71 4.05
N SER D 14 -0.34 -5.86 3.80
CA SER D 14 0.14 -5.97 2.42
C SER D 14 -0.05 -7.36 1.81
N GLY D 15 -0.30 -8.37 2.65
CA GLY D 15 -0.42 -9.76 2.19
C GLY D 15 0.92 -10.49 2.00
N LYS D 16 2.03 -9.76 2.25
CA LYS D 16 3.39 -10.26 2.09
C LYS D 16 3.69 -11.61 2.77
N PRO D 17 4.29 -12.54 2.03
CA PRO D 17 4.70 -13.82 2.59
C PRO D 17 6.17 -13.87 3.01
N ALA D 18 6.57 -14.95 3.69
CA ALA D 18 7.95 -15.16 4.09
C ALA D 18 8.70 -16.01 3.07
#